data_1E2P
#
_entry.id   1E2P
#
_cell.length_a   113.700
_cell.length_b   117.600
_cell.length_c   108.300
_cell.angle_alpha   90.00
_cell.angle_beta   90.00
_cell.angle_gamma   90.00
#
_symmetry.space_group_name_H-M   'C 2 2 21'
#
loop_
_entity.id
_entity.type
_entity.pdbx_description
1 polymer 'THYMIDINE KINASE'
2 non-polymer 'SULFATE ION'
3 non-polymer 6-[3-HYDROXY-2-(HYDROXYMETHYL)PROPYL]-5-METHYL-2,4(1H,3H)-PYRIMIDINEDIONE
4 water water
#
_entity_poly.entity_id   1
_entity_poly.type   'polypeptide(L)'
_entity_poly.pdbx_seq_one_letter_code
;MPTLLRVYIDGPHGMGKTTTTQLLVALGSRDDIVYVPEPMTYWRVLGASETIANIYTTQHRLDQGEISAGDAAVVMTSAQ
ITMGMPYAVTDAVLAPHIGGEAGSSHAPPPALTLIFDRHPIAALLCYPAARYLMGSMTPQAVLAFVALIPPTLPGTNIVL
GALPEDRHIDRLAKRQRPGERLDLAMLAAIRRVYGLLANTVRYLQCGGSWREDWGQLSGTAVPPQGAEPQSNAGPRPHIG
DTLFTLFRAPELLAPNGDLYNVFAWALDVLAKRLRSMHVFILDYDQSPAGCRDALLQLTSGMVQTHVTTPGSIPTICDLA
RTFAREMGEAN
;
_entity_poly.pdbx_strand_id   A,B
#
# COMPACT_ATOMS: atom_id res chain seq x y z
N MET A 1 9.78 4.75 -30.11
CA MET A 1 8.67 4.52 -29.12
C MET A 1 7.88 5.80 -28.92
N PRO A 2 6.58 5.71 -28.73
CA PRO A 2 5.75 6.88 -28.55
C PRO A 2 5.89 7.55 -27.19
N THR A 3 5.41 8.80 -27.13
CA THR A 3 5.48 9.55 -25.88
C THR A 3 4.10 9.64 -25.23
N LEU A 4 4.13 9.75 -23.89
CA LEU A 4 2.94 9.87 -23.07
C LEU A 4 3.03 11.02 -22.09
N LEU A 5 1.88 11.68 -21.88
CA LEU A 5 1.80 12.79 -20.95
C LEU A 5 0.77 12.47 -19.86
N ARG A 6 1.25 12.35 -18.61
CA ARG A 6 0.30 12.06 -17.53
C ARG A 6 0.08 13.33 -16.73
N VAL A 7 -1.21 13.67 -16.58
CA VAL A 7 -1.59 14.88 -15.85
C VAL A 7 -2.58 14.51 -14.76
N TYR A 8 -2.19 14.66 -13.52
CA TYR A 8 -3.04 14.34 -12.37
C TYR A 8 -3.60 15.64 -11.78
N ILE A 9 -4.90 15.83 -11.96
CA ILE A 9 -5.56 17.04 -11.45
C ILE A 9 -6.06 16.77 -10.06
N ASP A 10 -5.34 17.30 -9.07
CA ASP A 10 -5.71 17.07 -7.67
C ASP A 10 -5.94 18.38 -6.95
N GLY A 11 -5.86 18.39 -5.65
CA GLY A 11 -6.08 19.58 -4.84
C GLY A 11 -7.32 19.31 -3.97
N PRO A 12 -7.66 20.25 -3.11
CA PRO A 12 -8.84 20.06 -2.26
C PRO A 12 -10.06 20.02 -3.17
N HIS A 13 -11.04 19.18 -2.86
CA HIS A 13 -12.25 19.08 -3.68
C HIS A 13 -13.14 20.31 -3.51
N GLY A 14 -13.97 20.57 -4.51
CA GLY A 14 -14.91 21.68 -4.48
C GLY A 14 -14.43 22.97 -5.09
N MET A 15 -13.32 22.99 -5.81
CA MET A 15 -12.81 24.21 -6.41
C MET A 15 -13.23 24.30 -7.89
N GLY A 16 -13.48 23.16 -8.52
CA GLY A 16 -13.86 23.12 -9.92
C GLY A 16 -13.20 22.05 -10.75
N LYS A 17 -12.28 21.27 -10.18
CA LYS A 17 -11.55 20.22 -10.86
C LYS A 17 -12.36 19.47 -11.90
N THR A 18 -13.55 19.01 -11.55
CA THR A 18 -14.44 18.29 -12.43
C THR A 18 -14.86 19.11 -13.65
N THR A 19 -15.28 20.35 -13.48
CA THR A 19 -15.69 21.21 -14.59
C THR A 19 -14.56 21.40 -15.60
N THR A 20 -13.40 21.79 -15.09
CA THR A 20 -12.17 22.04 -15.81
C THR A 20 -11.80 20.94 -16.79
N THR A 21 -11.70 19.72 -16.31
CA THR A 21 -11.34 18.55 -17.12
C THR A 21 -12.45 18.21 -18.11
N GLN A 22 -13.69 18.19 -17.63
CA GLN A 22 -14.84 17.90 -18.45
C GLN A 22 -14.73 18.62 -19.79
N LEU A 23 -14.71 19.95 -19.74
CA LEU A 23 -14.58 20.75 -20.96
C LEU A 23 -13.35 20.26 -21.72
N LEU A 24 -13.53 19.35 -22.66
CA LEU A 24 -12.41 18.78 -23.42
C LEU A 24 -12.89 17.55 -24.19
N ARG A 30 -10.18 13.28 -30.70
CA ARG A 30 -10.83 12.65 -29.56
C ARG A 30 -9.90 11.53 -29.04
N ASP A 31 -8.99 11.12 -29.93
CA ASP A 31 -8.07 10.04 -29.67
C ASP A 31 -6.73 10.42 -29.05
N ASP A 32 -6.32 11.68 -29.05
CA ASP A 32 -5.03 12.03 -28.46
C ASP A 32 -5.11 12.46 -27.01
N ILE A 33 -6.23 12.23 -26.35
CA ILE A 33 -6.41 12.59 -24.95
C ILE A 33 -7.57 11.86 -24.30
N VAL A 34 -7.28 11.18 -23.18
CA VAL A 34 -8.29 10.45 -22.44
C VAL A 34 -8.41 10.99 -21.02
N TYR A 35 -9.62 11.09 -20.52
CA TYR A 35 -9.87 11.59 -19.18
C TYR A 35 -10.40 10.54 -18.22
N VAL A 36 -9.56 10.14 -17.27
CA VAL A 36 -9.90 9.16 -16.24
C VAL A 36 -10.59 9.94 -15.12
N PRO A 37 -11.89 9.75 -14.97
CA PRO A 37 -12.68 10.49 -14.02
C PRO A 37 -12.77 9.94 -12.61
N GLU A 38 -13.45 10.74 -11.78
CA GLU A 38 -13.65 10.38 -10.38
C GLU A 38 -14.37 9.05 -10.32
N PRO A 39 -13.84 8.08 -9.58
CA PRO A 39 -14.45 6.76 -9.46
C PRO A 39 -15.57 6.73 -8.44
N MET A 40 -16.56 7.61 -8.59
CA MET A 40 -17.69 7.70 -7.70
C MET A 40 -18.44 6.40 -7.50
N THR A 41 -18.71 5.66 -8.57
CA THR A 41 -19.42 4.38 -8.50
C THR A 41 -18.69 3.38 -7.62
N TYR A 42 -17.35 3.39 -7.64
CA TYR A 42 -16.61 2.46 -6.78
C TYR A 42 -16.84 2.86 -5.32
N TRP A 43 -16.83 4.14 -5.00
CA TRP A 43 -17.02 4.61 -3.65
C TRP A 43 -18.44 4.44 -3.12
N ARG A 44 -19.43 4.55 -4.00
CA ARG A 44 -20.81 4.41 -3.59
C ARG A 44 -21.35 2.99 -3.68
N VAL A 45 -20.86 2.14 -4.59
CA VAL A 45 -21.38 0.81 -4.75
C VAL A 45 -20.38 -0.35 -4.77
N LEU A 46 -19.45 -0.35 -5.70
CA LEU A 46 -18.51 -1.44 -5.88
C LEU A 46 -17.64 -1.77 -4.69
N GLY A 47 -16.85 -0.81 -4.22
CA GLY A 47 -15.95 -1.04 -3.10
C GLY A 47 -16.67 -1.24 -1.79
N ALA A 48 -17.66 -0.38 -1.58
CA ALA A 48 -18.45 -0.44 -0.33
C ALA A 48 -19.72 0.38 -0.53
N SER A 49 -20.56 0.44 0.48
CA SER A 49 -21.82 1.19 0.34
C SER A 49 -21.67 2.63 0.78
N GLU A 50 -21.87 3.56 -0.13
CA GLU A 50 -21.77 4.99 0.16
C GLU A 50 -20.61 5.28 1.09
N THR A 51 -19.41 5.41 0.51
CA THR A 51 -18.22 5.66 1.32
C THR A 51 -18.05 7.10 1.71
N ILE A 52 -18.49 8.05 0.90
CA ILE A 52 -18.33 9.46 1.30
C ILE A 52 -19.24 9.75 2.48
N ALA A 53 -20.43 9.16 2.44
CA ALA A 53 -21.42 9.33 3.49
C ALA A 53 -20.89 8.82 4.83
N ASN A 54 -20.31 7.64 4.82
CA ASN A 54 -19.75 7.02 6.01
C ASN A 54 -18.67 7.91 6.61
N ILE A 55 -17.83 8.47 5.75
CA ILE A 55 -16.75 9.35 6.18
C ILE A 55 -17.33 10.57 6.90
N TYR A 56 -18.21 11.31 6.23
CA TYR A 56 -18.79 12.52 6.82
C TYR A 56 -19.68 12.24 8.01
N THR A 57 -20.40 11.13 8.02
CA THR A 57 -21.26 10.80 9.16
C THR A 57 -20.39 10.58 10.40
N THR A 58 -19.33 9.81 10.24
CA THR A 58 -18.39 9.51 11.32
C THR A 58 -17.71 10.75 11.87
N GLN A 59 -17.32 11.71 11.03
CA GLN A 59 -16.69 12.92 11.54
C GLN A 59 -17.69 13.62 12.46
N HIS A 60 -18.85 13.87 11.90
CA HIS A 60 -19.98 14.49 12.55
C HIS A 60 -20.32 13.87 13.90
N ARG A 61 -20.42 12.55 13.97
CA ARG A 61 -20.72 11.85 15.21
C ARG A 61 -19.60 12.01 16.23
N LEU A 62 -18.36 12.10 15.76
CA LEU A 62 -17.21 12.31 16.64
C LEU A 62 -17.28 13.75 17.18
N ASP A 63 -17.73 14.67 16.32
CA ASP A 63 -17.87 16.06 16.64
C ASP A 63 -18.95 16.30 17.71
N GLN A 64 -19.99 15.49 17.68
CA GLN A 64 -21.10 15.56 18.58
C GLN A 64 -20.90 14.79 19.88
N GLY A 65 -19.85 13.98 19.96
CA GLY A 65 -19.56 13.21 21.15
C GLY A 65 -20.28 11.87 21.16
N GLU A 66 -20.88 11.47 20.04
CA GLU A 66 -21.58 10.20 19.97
C GLU A 66 -20.62 9.01 19.93
N ILE A 67 -19.42 9.19 19.39
CA ILE A 67 -18.45 8.11 19.31
C ILE A 67 -17.08 8.57 19.79
N SER A 68 -16.12 7.64 19.90
CA SER A 68 -14.79 8.04 20.37
C SER A 68 -13.81 8.31 19.23
N ALA A 69 -12.73 9.01 19.57
CA ALA A 69 -11.66 9.32 18.63
C ALA A 69 -11.13 8.03 18.01
N GLY A 70 -10.99 7.00 18.82
CA GLY A 70 -10.54 5.69 18.43
C GLY A 70 -11.55 5.00 17.51
N ASP A 71 -12.84 5.24 17.73
CA ASP A 71 -13.89 4.67 16.91
C ASP A 71 -13.85 5.31 15.51
N ALA A 72 -13.77 6.63 15.48
CA ALA A 72 -13.72 7.39 14.24
C ALA A 72 -12.54 6.95 13.38
N ALA A 73 -11.37 6.84 14.01
CA ALA A 73 -10.14 6.46 13.34
C ALA A 73 -10.25 5.12 12.60
N VAL A 74 -10.79 4.12 13.25
CA VAL A 74 -10.96 2.79 12.66
C VAL A 74 -11.78 2.92 11.39
N VAL A 75 -12.95 3.54 11.50
CA VAL A 75 -13.84 3.76 10.36
C VAL A 75 -13.14 4.61 9.31
N MET A 76 -12.49 5.67 9.77
CA MET A 76 -11.80 6.61 8.90
C MET A 76 -10.65 5.99 8.15
N THR A 77 -9.87 5.11 8.78
CA THR A 77 -8.74 4.49 8.12
C THR A 77 -9.23 3.49 7.08
N SER A 78 -10.27 2.77 7.47
CA SER A 78 -10.90 1.76 6.66
C SER A 78 -11.53 2.34 5.40
N ALA A 79 -12.18 3.49 5.59
CA ALA A 79 -12.82 4.19 4.50
C ALA A 79 -11.76 4.68 3.53
N GLN A 80 -10.57 5.06 4.03
CA GLN A 80 -9.53 5.55 3.14
C GLN A 80 -8.94 4.44 2.29
N ILE A 81 -9.10 3.18 2.71
CA ILE A 81 -8.61 2.05 1.90
C ILE A 81 -9.50 1.97 0.66
N THR A 82 -10.81 2.10 0.86
CA THR A 82 -11.77 2.07 -0.23
C THR A 82 -11.59 3.25 -1.18
N MET A 83 -11.51 4.46 -0.65
CA MET A 83 -11.36 5.63 -1.49
C MET A 83 -10.18 5.56 -2.46
N GLY A 84 -9.01 5.14 -2.01
CA GLY A 84 -7.83 5.10 -2.83
C GLY A 84 -7.61 3.88 -3.70
N MET A 85 -8.37 2.82 -3.47
CA MET A 85 -8.26 1.57 -4.22
C MET A 85 -8.18 1.78 -5.71
N PRO A 86 -9.15 2.45 -6.33
CA PRO A 86 -9.13 2.71 -7.75
C PRO A 86 -7.82 3.36 -8.22
N TYR A 87 -7.30 4.33 -7.46
CA TYR A 87 -6.07 5.01 -7.80
C TYR A 87 -4.88 4.07 -7.71
N ALA A 88 -4.76 3.36 -6.59
CA ALA A 88 -3.69 2.42 -6.36
C ALA A 88 -3.65 1.29 -7.40
N VAL A 89 -4.82 0.76 -7.76
CA VAL A 89 -4.86 -0.32 -8.73
C VAL A 89 -4.49 0.16 -10.11
N THR A 90 -4.91 1.38 -10.45
CA THR A 90 -4.60 2.01 -11.73
C THR A 90 -3.11 2.29 -11.83
N ASP A 91 -2.48 2.71 -10.74
CA ASP A 91 -1.05 3.00 -10.77
C ASP A 91 -0.24 1.73 -10.98
N ALA A 92 -0.64 0.66 -10.32
CA ALA A 92 0.02 -0.62 -10.35
C ALA A 92 0.02 -1.28 -11.73
N VAL A 93 -1.08 -1.16 -12.48
CA VAL A 93 -1.13 -1.77 -13.81
C VAL A 93 -0.61 -0.81 -14.87
N LEU A 94 -0.47 0.46 -14.52
CA LEU A 94 0.02 1.46 -15.47
C LEU A 94 1.53 1.59 -15.38
N ALA A 95 2.07 1.44 -14.19
CA ALA A 95 3.50 1.54 -13.89
C ALA A 95 4.40 0.86 -14.89
N PRO A 96 4.26 -0.43 -15.15
CA PRO A 96 5.08 -1.18 -16.08
C PRO A 96 5.28 -0.52 -17.42
N HIS A 97 4.24 0.04 -18.02
CA HIS A 97 4.29 0.71 -19.30
C HIS A 97 4.99 2.05 -19.32
N ILE A 98 5.39 2.61 -18.19
CA ILE A 98 6.04 3.92 -18.17
C ILE A 98 7.55 3.81 -18.32
N GLY A 99 8.08 4.46 -19.36
CA GLY A 99 9.53 4.44 -19.57
C GLY A 99 10.14 5.71 -18.98
N GLY A 100 11.28 6.13 -19.51
CA GLY A 100 11.97 7.33 -19.05
C GLY A 100 11.33 8.58 -19.64
N GLU A 101 11.76 9.71 -19.10
CA GLU A 101 11.28 11.02 -19.49
C GLU A 101 11.70 11.34 -20.91
N ALA A 102 10.82 12.01 -21.65
CA ALA A 102 11.07 12.36 -23.04
C ALA A 102 11.97 13.57 -23.15
N GLY A 103 11.73 14.56 -22.30
CA GLY A 103 12.53 15.78 -22.31
C GLY A 103 11.68 17.04 -22.12
N SER A 104 12.32 18.18 -22.26
CA SER A 104 11.72 19.50 -22.13
C SER A 104 10.20 19.49 -22.25
N PRO A 109 4.15 16.74 -30.65
CA PRO A 109 3.49 16.59 -29.35
C PRO A 109 3.50 15.14 -28.91
N PRO A 110 2.92 14.85 -27.75
CA PRO A 110 2.83 13.51 -27.20
C PRO A 110 1.79 12.67 -27.95
N ALA A 111 2.01 11.37 -28.06
CA ALA A 111 1.11 10.48 -28.75
C ALA A 111 -0.19 10.24 -27.97
N LEU A 112 -0.15 10.41 -26.67
CA LEU A 112 -1.31 10.22 -25.83
C LEU A 112 -1.22 11.09 -24.57
N THR A 113 -2.27 11.83 -24.27
CA THR A 113 -2.35 12.68 -23.08
C THR A 113 -3.40 12.05 -22.15
N LEU A 114 -2.94 11.65 -20.97
CA LEU A 114 -3.83 10.98 -20.02
C LEU A 114 -4.15 11.89 -18.84
N ILE A 115 -5.35 12.45 -18.79
CA ILE A 115 -5.71 13.34 -17.68
C ILE A 115 -6.45 12.58 -16.60
N PHE A 116 -5.88 12.57 -15.38
CA PHE A 116 -6.50 11.87 -14.29
C PHE A 116 -7.16 12.81 -13.27
N ASP A 117 -8.22 12.29 -12.70
CA ASP A 117 -8.91 13.00 -11.63
C ASP A 117 -8.27 12.44 -10.36
N ARG A 118 -7.29 13.18 -9.84
CA ARG A 118 -6.56 12.84 -8.65
C ARG A 118 -5.45 11.82 -8.88
N HIS A 119 -4.54 11.80 -7.92
CA HIS A 119 -3.38 10.93 -7.86
C HIS A 119 -3.46 10.12 -6.57
N PRO A 120 -2.87 8.95 -6.52
CA PRO A 120 -2.87 8.14 -5.30
C PRO A 120 -2.56 8.91 -4.04
N ILE A 121 -1.72 9.94 -4.02
CA ILE A 121 -1.41 10.67 -2.81
C ILE A 121 -2.58 11.41 -2.19
N ALA A 122 -3.71 11.59 -2.85
CA ALA A 122 -4.85 12.28 -2.26
C ALA A 122 -5.52 11.39 -1.22
N ALA A 123 -5.55 10.09 -1.48
CA ALA A 123 -6.15 9.11 -0.60
C ALA A 123 -5.16 8.50 0.38
N LEU A 124 -3.89 8.45 -0.01
CA LEU A 124 -2.85 7.89 0.83
C LEU A 124 -2.12 8.91 1.70
N LEU A 125 -2.24 10.20 1.38
CA LEU A 125 -1.55 11.20 2.17
C LEU A 125 -2.40 12.37 2.59
N CYS A 126 -2.88 13.13 1.63
CA CYS A 126 -3.67 14.33 1.83
C CYS A 126 -4.96 14.15 2.59
N TYR A 127 -5.89 13.29 2.18
CA TYR A 127 -7.14 13.15 2.97
C TYR A 127 -6.85 12.64 4.35
N PRO A 128 -6.05 11.59 4.50
CA PRO A 128 -5.67 11.05 5.80
C PRO A 128 -5.02 12.09 6.69
N ALA A 129 -4.11 12.93 6.18
CA ALA A 129 -3.46 13.95 7.01
C ALA A 129 -4.51 14.91 7.55
N ALA A 130 -5.43 15.30 6.66
CA ALA A 130 -6.53 16.19 7.00
C ALA A 130 -7.39 15.55 8.08
N ARG A 131 -7.68 14.25 7.97
CA ARG A 131 -8.48 13.61 9.02
C ARG A 131 -7.69 13.61 10.32
N TYR A 132 -6.36 13.48 10.21
CA TYR A 132 -5.52 13.51 11.39
C TYR A 132 -5.71 14.87 12.06
N LEU A 133 -5.71 15.96 11.28
CA LEU A 133 -5.93 17.29 11.80
C LEU A 133 -7.34 17.51 12.31
N MET A 134 -8.28 16.64 11.99
CA MET A 134 -9.65 16.73 12.44
C MET A 134 -9.88 15.81 13.65
N GLY A 135 -8.82 15.11 14.06
CA GLY A 135 -8.88 14.17 15.16
C GLY A 135 -9.52 12.85 14.82
N SER A 136 -9.86 12.58 13.56
CA SER A 136 -10.51 11.33 13.18
C SER A 136 -9.57 10.26 12.67
N MET A 137 -8.26 10.45 12.73
CA MET A 137 -7.30 9.45 12.30
C MET A 137 -5.99 9.61 13.08
N THR A 138 -5.34 8.51 13.40
CA THR A 138 -4.07 8.60 14.15
C THR A 138 -2.93 8.87 13.18
N PRO A 139 -1.90 9.56 13.63
CA PRO A 139 -0.75 9.87 12.81
C PRO A 139 -0.05 8.59 12.36
N GLN A 140 -0.08 7.50 13.14
CA GLN A 140 0.54 6.25 12.75
C GLN A 140 -0.17 5.67 11.52
N ALA A 141 -1.50 5.80 11.48
CA ALA A 141 -2.25 5.31 10.33
C ALA A 141 -1.83 6.13 9.10
N VAL A 142 -1.66 7.43 9.25
CA VAL A 142 -1.24 8.29 8.14
C VAL A 142 0.11 7.85 7.59
N LEU A 143 1.06 7.58 8.47
CA LEU A 143 2.38 7.16 8.03
C LEU A 143 2.36 5.78 7.42
N ALA A 144 1.41 4.93 7.83
CA ALA A 144 1.31 3.59 7.21
C ALA A 144 0.85 3.79 5.77
N PHE A 145 -0.13 4.68 5.55
CA PHE A 145 -0.57 4.96 4.20
C PHE A 145 0.61 5.52 3.39
N VAL A 146 1.38 6.44 3.99
CA VAL A 146 2.56 7.02 3.35
C VAL A 146 3.56 5.93 2.99
N ALA A 147 3.72 4.90 3.82
CA ALA A 147 4.65 3.82 3.52
C ALA A 147 4.23 3.08 2.25
N LEU A 148 2.95 3.03 1.95
CA LEU A 148 2.37 2.39 0.79
C LEU A 148 2.27 3.26 -0.44
N ILE A 149 2.72 4.52 -0.41
CA ILE A 149 2.67 5.36 -1.61
C ILE A 149 3.53 4.69 -2.68
N PRO A 150 2.95 4.41 -3.84
CA PRO A 150 3.70 3.77 -4.91
C PRO A 150 4.86 4.66 -5.32
N PRO A 151 5.94 4.07 -5.79
CA PRO A 151 7.11 4.80 -6.24
C PRO A 151 6.74 5.86 -7.27
N THR A 152 7.44 6.99 -7.24
CA THR A 152 7.16 8.08 -8.17
C THR A 152 7.87 7.86 -9.49
N LEU A 153 7.05 7.59 -10.51
CA LEU A 153 7.61 7.35 -11.85
C LEU A 153 7.94 8.69 -12.48
N PRO A 154 8.65 8.62 -13.58
CA PRO A 154 9.03 9.83 -14.32
C PRO A 154 7.73 10.43 -14.85
N GLY A 155 7.70 11.73 -15.10
CA GLY A 155 6.51 12.37 -15.65
C GLY A 155 5.31 12.39 -14.73
N THR A 156 5.53 12.55 -13.43
CA THR A 156 4.39 12.62 -12.51
C THR A 156 4.09 14.10 -12.31
N ASN A 157 3.30 14.65 -13.22
CA ASN A 157 2.90 16.06 -13.19
C ASN A 157 1.61 16.17 -12.40
N ILE A 158 1.65 16.93 -11.31
CA ILE A 158 0.47 17.10 -10.48
C ILE A 158 -0.03 18.53 -10.44
N VAL A 159 -1.29 18.73 -10.87
CA VAL A 159 -1.88 20.07 -10.88
C VAL A 159 -2.65 20.30 -9.58
N LEU A 160 -2.29 21.36 -8.87
CA LEU A 160 -2.94 21.70 -7.61
C LEU A 160 -3.67 23.03 -7.82
N GLY A 161 -4.82 23.21 -7.18
CA GLY A 161 -5.61 24.40 -7.34
C GLY A 161 -5.41 25.49 -6.30
N ALA A 162 -5.57 26.72 -6.76
CA ALA A 162 -5.47 27.91 -5.92
C ALA A 162 -6.86 28.55 -5.94
N LEU A 163 -7.32 29.00 -4.79
CA LEU A 163 -8.62 29.63 -4.69
C LEU A 163 -8.80 30.21 -3.29
N PRO A 164 -9.17 31.47 -3.22
CA PRO A 164 -9.40 32.14 -1.94
C PRO A 164 -10.45 31.34 -1.16
N GLU A 165 -10.32 31.27 0.16
CA GLU A 165 -11.22 30.48 0.97
C GLU A 165 -12.69 30.78 0.82
N ASP A 166 -13.09 32.04 0.79
CA ASP A 166 -14.51 32.39 0.67
C ASP A 166 -15.07 31.90 -0.66
N ARG A 167 -14.31 32.03 -1.74
CA ARG A 167 -14.74 31.54 -3.05
C ARG A 167 -14.91 30.02 -3.00
N HIS A 168 -13.93 29.35 -2.38
CA HIS A 168 -13.91 27.92 -2.21
C HIS A 168 -15.16 27.41 -1.47
N ILE A 169 -15.48 28.04 -0.34
CA ILE A 169 -16.67 27.67 0.44
C ILE A 169 -17.93 27.79 -0.41
N ASP A 170 -17.97 28.89 -1.13
CA ASP A 170 -19.03 29.29 -2.02
C ASP A 170 -19.24 28.27 -3.14
N ARG A 171 -18.12 27.89 -3.73
CA ARG A 171 -18.13 26.92 -4.83
C ARG A 171 -18.37 25.51 -4.34
N LEU A 172 -17.84 25.16 -3.18
CA LEU A 172 -18.02 23.86 -2.56
C LEU A 172 -19.46 23.63 -2.14
N ALA A 173 -20.09 24.69 -1.63
CA ALA A 173 -21.47 24.62 -1.14
C ALA A 173 -22.45 24.24 -2.25
N LYS A 174 -22.22 24.71 -3.48
CA LYS A 174 -23.15 24.35 -4.55
C LYS A 174 -22.70 23.12 -5.31
N ARG A 175 -21.72 22.37 -4.81
CA ARG A 175 -21.30 21.16 -5.52
C ARG A 175 -20.92 20.07 -4.51
N GLN A 176 -21.89 19.76 -3.66
CA GLN A 176 -21.74 18.73 -2.63
C GLN A 176 -21.83 17.33 -3.24
N ARG A 177 -21.16 16.35 -2.65
CA ARG A 177 -21.24 15.00 -3.18
C ARG A 177 -22.19 14.15 -2.37
N PRO A 178 -22.73 13.09 -2.97
CA PRO A 178 -23.67 12.20 -2.33
C PRO A 178 -23.20 11.73 -0.96
N GLY A 179 -23.88 12.18 0.10
CA GLY A 179 -23.56 11.83 1.46
C GLY A 179 -22.59 12.81 2.13
N GLU A 180 -22.12 13.81 1.39
CA GLU A 180 -21.18 14.77 1.95
C GLU A 180 -21.88 15.80 2.83
N ARG A 181 -21.16 16.37 3.78
CA ARG A 181 -21.66 17.40 4.68
C ARG A 181 -20.73 18.61 4.56
N LEU A 182 -21.30 19.80 4.46
CA LEU A 182 -20.46 21.01 4.33
C LEU A 182 -19.75 21.29 5.64
N ASP A 183 -18.56 20.73 5.81
CA ASP A 183 -17.77 20.91 7.02
C ASP A 183 -16.65 21.89 6.71
N LEU A 184 -16.72 23.05 7.34
CA LEU A 184 -15.76 24.12 7.17
C LEU A 184 -14.45 23.86 7.90
N ALA A 185 -14.50 23.05 8.96
CA ALA A 185 -13.27 22.70 9.68
C ALA A 185 -12.47 21.74 8.78
N MET A 186 -13.19 20.86 8.08
CA MET A 186 -12.56 19.95 7.14
C MET A 186 -12.02 20.75 5.95
N LEU A 187 -12.78 21.75 5.51
CA LEU A 187 -12.29 22.54 4.38
C LEU A 187 -10.95 23.19 4.69
N ALA A 188 -10.81 23.73 5.90
CA ALA A 188 -9.58 24.40 6.30
C ALA A 188 -8.43 23.40 6.40
N ALA A 189 -8.73 22.26 7.01
CA ALA A 189 -7.78 21.17 7.16
C ALA A 189 -7.24 20.72 5.80
N ILE A 190 -8.15 20.42 4.88
CA ILE A 190 -7.77 19.96 3.55
C ILE A 190 -7.03 21.05 2.80
N ARG A 191 -7.37 22.32 3.03
CA ARG A 191 -6.66 23.42 2.36
C ARG A 191 -5.28 23.58 2.97
N ARG A 192 -5.16 23.38 4.29
CA ARG A 192 -3.83 23.51 4.91
C ARG A 192 -2.88 22.45 4.36
N VAL A 193 -3.32 21.19 4.37
CA VAL A 193 -2.52 20.09 3.84
C VAL A 193 -2.05 20.32 2.42
N TYR A 194 -2.93 20.71 1.50
CA TYR A 194 -2.49 20.93 0.11
C TYR A 194 -1.48 22.05 0.01
N GLY A 195 -1.62 23.10 0.81
CA GLY A 195 -0.65 24.21 0.80
C GLY A 195 0.68 23.64 1.33
N LEU A 196 0.61 22.89 2.43
CA LEU A 196 1.86 22.28 2.94
C LEU A 196 2.40 21.34 1.87
N LEU A 197 1.53 20.57 1.20
CA LEU A 197 2.00 19.68 0.14
C LEU A 197 2.83 20.43 -0.89
N ALA A 198 2.31 21.57 -1.37
CA ALA A 198 3.05 22.34 -2.37
C ALA A 198 4.36 22.87 -1.80
N ASN A 199 4.37 23.27 -0.53
CA ASN A 199 5.59 23.79 0.08
C ASN A 199 6.62 22.68 0.27
N THR A 200 6.12 21.48 0.57
CA THR A 200 6.98 20.33 0.77
C THR A 200 7.75 19.98 -0.48
N VAL A 201 7.10 19.92 -1.63
CA VAL A 201 7.79 19.59 -2.88
C VAL A 201 8.89 20.60 -3.19
N ARG A 202 8.61 21.86 -2.98
CA ARG A 202 9.57 22.96 -3.19
C ARG A 202 10.75 22.78 -2.25
N TYR A 203 10.46 22.64 -0.96
CA TYR A 203 11.47 22.41 0.07
C TYR A 203 12.45 21.30 -0.37
N LEU A 204 11.88 20.14 -0.67
CA LEU A 204 12.64 18.99 -1.10
C LEU A 204 13.44 19.23 -2.36
N GLN A 205 12.89 19.90 -3.36
CA GLN A 205 13.57 20.17 -4.62
C GLN A 205 14.69 21.19 -4.48
N CYS A 206 14.61 22.02 -3.46
CA CYS A 206 15.63 23.01 -3.19
C CYS A 206 16.70 22.49 -2.23
N GLY A 207 16.74 21.19 -1.95
CA GLY A 207 17.73 20.60 -1.10
C GLY A 207 17.39 20.30 0.33
N GLY A 208 16.21 20.70 0.80
CA GLY A 208 15.80 20.46 2.17
C GLY A 208 15.93 19.01 2.62
N SER A 209 16.46 18.86 3.81
CA SER A 209 16.65 17.60 4.49
C SER A 209 15.86 17.65 5.80
N TRP A 210 14.79 16.86 5.89
CA TRP A 210 13.97 16.89 7.10
C TRP A 210 14.78 16.49 8.32
N ARG A 211 15.69 15.53 8.18
CA ARG A 211 16.51 15.11 9.31
C ARG A 211 17.41 16.24 9.78
N GLU A 212 17.97 17.03 8.86
CA GLU A 212 18.82 18.14 9.27
C GLU A 212 18.03 19.27 9.91
N ASP A 213 16.88 19.60 9.35
CA ASP A 213 16.05 20.69 9.85
C ASP A 213 15.05 20.28 10.92
N TRP A 214 14.98 19.03 11.32
CA TRP A 214 14.04 18.57 12.32
C TRP A 214 14.05 19.40 13.58
N GLY A 215 15.20 19.79 14.10
CA GLY A 215 15.37 20.59 15.29
C GLY A 215 14.67 21.93 15.27
N GLN A 216 14.38 22.49 14.10
CA GLN A 216 13.71 23.77 13.98
C GLN A 216 12.24 23.77 14.30
N LEU A 217 11.60 22.61 14.45
CA LEU A 217 10.18 22.55 14.78
C LEU A 217 9.95 22.80 16.27
N SER A 218 10.97 22.51 17.07
CA SER A 218 10.87 22.68 18.51
C SER A 218 11.77 23.80 19.03
N GLY A 219 12.01 24.81 18.19
CA GLY A 219 12.85 25.94 18.56
C GLY A 219 13.08 26.87 17.38
N PRO A 235 17.14 29.01 0.09
CA PRO A 235 15.96 29.56 -0.57
C PRO A 235 14.90 28.46 -0.76
N ARG A 236 14.28 28.18 0.38
CA ARG A 236 13.24 27.17 0.49
C ARG A 236 12.39 27.45 1.72
N PRO A 237 11.18 26.91 1.75
CA PRO A 237 10.28 27.11 2.86
C PRO A 237 10.87 26.62 4.17
N HIS A 238 10.45 27.25 5.26
CA HIS A 238 10.93 26.78 6.59
C HIS A 238 10.28 25.41 6.76
N ILE A 239 10.93 24.49 7.46
CA ILE A 239 10.36 23.15 7.64
C ILE A 239 8.99 23.19 8.26
N GLY A 240 8.66 24.15 9.10
CA GLY A 240 7.39 24.35 9.75
C GLY A 240 6.25 24.65 8.80
N ASP A 241 6.57 24.99 7.56
CA ASP A 241 5.62 25.26 6.51
C ASP A 241 5.55 24.08 5.53
N THR A 242 6.00 22.90 5.95
CA THR A 242 5.95 21.72 5.08
C THR A 242 5.16 20.62 5.79
N LEU A 243 4.84 19.53 5.12
CA LEU A 243 4.11 18.42 5.71
C LEU A 243 4.80 17.76 6.89
N PHE A 244 6.10 17.98 7.07
CA PHE A 244 6.86 17.41 8.15
C PHE A 244 6.42 17.92 9.51
N THR A 245 5.84 19.13 9.65
CA THR A 245 5.39 19.61 10.94
C THR A 245 4.30 18.73 11.56
N LEU A 246 3.45 18.15 10.74
CA LEU A 246 2.36 17.30 11.21
C LEU A 246 2.86 16.09 11.98
N PHE A 247 4.06 15.62 11.65
CA PHE A 247 4.61 14.44 12.29
C PHE A 247 5.45 14.70 13.50
N ARG A 248 5.19 15.85 14.16
CA ARG A 248 5.87 16.17 15.41
C ARG A 248 4.98 15.58 16.52
N ALA A 249 3.79 15.16 16.11
CA ALA A 249 2.80 14.54 16.95
C ALA A 249 3.45 13.64 18.00
N PRO A 250 3.00 13.82 19.25
CA PRO A 250 3.50 13.08 20.39
C PRO A 250 3.35 11.59 20.31
N GLU A 251 2.37 11.08 19.56
CA GLU A 251 2.20 9.64 19.42
C GLU A 251 3.43 8.98 18.77
N LEU A 252 4.12 9.69 17.90
CA LEU A 252 5.28 9.24 17.17
C LEU A 252 6.62 9.46 17.83
N LEU A 253 6.66 10.07 19.01
CA LEU A 253 7.93 10.33 19.66
C LEU A 253 8.15 9.48 20.90
N ALA A 254 9.42 9.12 21.16
CA ALA A 254 9.70 8.34 22.36
C ALA A 254 9.73 9.27 23.57
N PRO A 255 9.76 8.68 24.77
CA PRO A 255 9.84 9.43 26.00
C PRO A 255 10.84 10.55 25.98
N ASN A 256 11.98 10.47 25.29
CA ASN A 256 12.95 11.54 25.26
C ASN A 256 12.69 12.51 24.11
N GLY A 257 11.56 12.41 23.43
CA GLY A 257 11.18 13.30 22.36
C GLY A 257 11.69 12.95 20.98
N ASP A 258 12.53 11.92 20.88
CA ASP A 258 13.06 11.51 19.59
C ASP A 258 11.93 10.82 18.81
N LEU A 259 12.03 10.90 17.50
CA LEU A 259 11.04 10.25 16.64
C LEU A 259 11.38 8.76 16.55
N TYR A 260 10.41 7.85 16.64
CA TYR A 260 10.78 6.43 16.52
C TYR A 260 11.32 6.23 15.11
N ASN A 261 12.26 5.31 14.92
CA ASN A 261 12.84 5.08 13.60
C ASN A 261 11.81 4.63 12.58
N VAL A 262 10.83 3.82 12.95
CA VAL A 262 9.80 3.38 12.04
C VAL A 262 9.22 4.63 11.31
N PHE A 263 8.86 5.63 12.12
CA PHE A 263 8.26 6.85 11.61
C PHE A 263 9.25 7.68 10.81
N ALA A 264 10.48 7.78 11.31
CA ALA A 264 11.51 8.53 10.59
C ALA A 264 11.66 7.95 9.19
N TRP A 265 11.72 6.63 9.09
CA TRP A 265 11.84 5.96 7.80
C TRP A 265 10.63 6.26 6.92
N ALA A 266 9.45 6.35 7.52
CA ALA A 266 8.25 6.69 6.74
C ALA A 266 8.36 8.10 6.18
N LEU A 267 8.97 9.02 6.94
CA LEU A 267 9.20 10.38 6.49
C LEU A 267 10.24 10.41 5.37
N ASP A 268 11.19 9.46 5.39
CA ASP A 268 12.20 9.37 4.35
C ASP A 268 11.51 8.97 3.04
N VAL A 269 10.52 8.08 3.13
CA VAL A 269 9.77 7.65 1.96
C VAL A 269 8.99 8.85 1.41
N LEU A 270 8.35 9.61 2.30
CA LEU A 270 7.58 10.79 1.91
C LEU A 270 8.47 11.74 1.10
N ALA A 271 9.66 12.02 1.62
CA ALA A 271 10.61 12.90 0.95
C ALA A 271 10.94 12.36 -0.44
N LYS A 272 11.25 11.06 -0.50
CA LYS A 272 11.59 10.43 -1.78
C LYS A 272 10.44 10.46 -2.77
N ARG A 273 9.24 10.14 -2.35
CA ARG A 273 8.06 10.14 -3.23
C ARG A 273 7.67 11.52 -3.73
N LEU A 274 7.65 12.51 -2.83
CA LEU A 274 7.24 13.86 -3.20
C LEU A 274 8.20 14.59 -4.12
N ARG A 275 9.44 14.71 -3.72
CA ARG A 275 10.54 15.35 -4.39
C ARG A 275 10.58 15.21 -5.89
N SER A 276 10.36 14.03 -6.44
CA SER A 276 10.40 13.83 -7.88
C SER A 276 9.11 14.19 -8.61
N MET A 277 8.10 14.65 -7.89
CA MET A 277 6.85 15.07 -8.51
C MET A 277 6.95 16.49 -9.08
N HIS A 278 6.26 16.70 -10.20
CA HIS A 278 6.24 18.04 -10.80
C HIS A 278 4.88 18.67 -10.48
N VAL A 279 4.90 19.73 -9.69
CA VAL A 279 3.71 20.43 -9.27
C VAL A 279 3.41 21.65 -10.12
N PHE A 280 2.14 21.81 -10.51
CA PHE A 280 1.67 22.94 -11.32
C PHE A 280 0.45 23.55 -10.62
N ILE A 281 0.44 24.87 -10.44
CA ILE A 281 -0.68 25.52 -9.78
C ILE A 281 -1.66 26.14 -10.75
N LEU A 282 -2.90 25.67 -10.67
CA LEU A 282 -4.00 26.13 -11.50
C LEU A 282 -4.89 27.08 -10.71
N ASP A 283 -5.04 28.30 -11.18
CA ASP A 283 -5.90 29.28 -10.47
C ASP A 283 -7.35 28.95 -10.81
N TYR A 284 -8.18 28.64 -9.80
CA TYR A 284 -9.57 28.32 -10.08
C TYR A 284 -10.50 29.52 -10.04
N ASP A 285 -10.04 30.66 -9.56
CA ASP A 285 -10.81 31.88 -9.46
C ASP A 285 -11.01 32.56 -10.81
N GLN A 286 -11.84 31.93 -11.64
CA GLN A 286 -12.14 32.40 -12.97
C GLN A 286 -13.19 31.46 -13.56
N SER A 287 -13.74 31.82 -14.71
CA SER A 287 -14.76 31.02 -15.37
C SER A 287 -14.21 29.68 -15.82
N PRO A 288 -15.11 28.72 -16.03
CA PRO A 288 -14.76 27.39 -16.49
C PRO A 288 -14.01 27.38 -17.81
N ALA A 289 -14.16 28.41 -18.63
CA ALA A 289 -13.45 28.51 -19.90
C ALA A 289 -12.01 28.93 -19.60
N GLY A 290 -11.88 29.77 -18.57
CA GLY A 290 -10.57 30.24 -18.14
C GLY A 290 -9.79 29.04 -17.58
N CYS A 291 -10.42 28.27 -16.70
CA CYS A 291 -9.83 27.10 -16.10
C CYS A 291 -9.49 26.01 -17.10
N ARG A 292 -10.20 25.92 -18.22
CA ARG A 292 -9.90 24.89 -19.21
C ARG A 292 -8.64 25.27 -19.98
N ASP A 293 -8.58 26.54 -20.42
CA ASP A 293 -7.42 27.01 -21.16
C ASP A 293 -6.21 26.97 -20.21
N ALA A 294 -6.46 27.48 -19.00
CA ALA A 294 -5.43 27.52 -17.96
C ALA A 294 -4.66 26.21 -17.85
N LEU A 295 -5.40 25.12 -17.68
CA LEU A 295 -4.83 23.79 -17.58
C LEU A 295 -4.02 23.39 -18.82
N LEU A 296 -4.60 23.70 -19.97
CA LEU A 296 -4.00 23.37 -21.26
C LEU A 296 -2.73 24.16 -21.47
N GLN A 297 -2.69 25.41 -21.00
CA GLN A 297 -1.48 26.22 -21.15
C GLN A 297 -0.40 25.71 -20.22
N LEU A 298 -0.83 25.17 -19.07
CA LEU A 298 0.08 24.57 -18.11
C LEU A 298 0.81 23.36 -18.69
N THR A 299 0.32 22.65 -19.69
CA THR A 299 0.99 21.49 -20.22
C THR A 299 2.29 21.72 -20.94
N SER A 300 2.67 22.92 -21.32
CA SER A 300 3.93 23.17 -22.02
C SER A 300 5.15 22.81 -21.19
N GLY A 301 5.05 22.95 -19.86
CA GLY A 301 6.14 22.65 -18.96
C GLY A 301 6.01 21.29 -18.27
N MET A 302 4.95 20.54 -18.61
CA MET A 302 4.76 19.22 -18.00
C MET A 302 5.74 18.23 -18.64
N VAL A 303 6.23 17.28 -17.87
CA VAL A 303 7.22 16.33 -18.36
C VAL A 303 6.60 15.12 -19.00
N GLN A 304 7.01 14.79 -20.21
CA GLN A 304 6.49 13.63 -20.94
C GLN A 304 7.43 12.43 -20.73
N THR A 305 6.95 11.24 -21.06
CA THR A 305 7.75 10.06 -20.91
C THR A 305 7.56 9.12 -22.12
N HIS A 306 8.47 8.16 -22.22
CA HIS A 306 8.36 7.17 -23.29
C HIS A 306 7.55 6.01 -22.70
N VAL A 307 6.81 5.30 -23.54
CA VAL A 307 6.09 4.13 -23.00
C VAL A 307 7.07 2.98 -23.18
N THR A 308 6.90 1.83 -22.55
CA THR A 308 7.89 0.77 -22.69
C THR A 308 7.63 -0.21 -23.81
N THR A 309 6.40 -0.35 -24.28
CA THR A 309 6.11 -1.25 -25.39
C THR A 309 5.40 -0.46 -26.49
N PRO A 310 5.43 -0.99 -27.70
CA PRO A 310 4.80 -0.35 -28.85
C PRO A 310 3.28 -0.34 -28.71
N GLY A 311 2.74 -1.37 -28.07
CA GLY A 311 1.31 -1.48 -27.84
C GLY A 311 0.90 -0.93 -26.47
N SER A 312 1.72 -0.07 -25.89
CA SER A 312 1.45 0.54 -24.60
C SER A 312 0.40 1.63 -24.66
N ILE A 313 0.28 2.36 -25.75
CA ILE A 313 -0.73 3.43 -25.82
C ILE A 313 -2.11 2.80 -25.85
N PRO A 314 -2.35 1.93 -26.83
CA PRO A 314 -3.62 1.22 -26.96
C PRO A 314 -4.06 0.60 -25.65
N THR A 315 -3.15 -0.11 -24.96
CA THR A 315 -3.50 -0.72 -23.68
C THR A 315 -3.92 0.37 -22.70
N ILE A 316 -3.09 1.41 -22.60
CA ILE A 316 -3.36 2.55 -21.74
C ILE A 316 -4.74 3.14 -22.03
N CYS A 317 -5.12 3.30 -23.30
CA CYS A 317 -6.44 3.80 -23.65
C CYS A 317 -7.53 2.89 -23.06
N ASP A 318 -7.50 1.60 -23.37
CA ASP A 318 -8.50 0.67 -22.85
C ASP A 318 -8.68 0.86 -21.33
N LEU A 319 -7.56 0.80 -20.63
CA LEU A 319 -7.55 0.97 -19.17
C LEU A 319 -8.35 2.21 -18.80
N ALA A 320 -7.95 3.35 -19.36
CA ALA A 320 -8.58 4.62 -19.11
C ALA A 320 -10.05 4.67 -19.49
N ARG A 321 -10.43 4.26 -20.68
CA ARG A 321 -11.84 4.31 -21.08
C ARG A 321 -12.69 3.37 -20.24
N THR A 322 -12.18 2.18 -19.98
CA THR A 322 -12.86 1.16 -19.16
C THR A 322 -13.07 1.67 -17.75
N PHE A 323 -12.02 2.28 -17.18
CA PHE A 323 -12.10 2.87 -15.84
C PHE A 323 -13.30 3.83 -15.83
N ALA A 324 -13.20 4.83 -16.71
CA ALA A 324 -14.22 5.84 -16.87
C ALA A 324 -15.61 5.23 -16.98
N ARG A 325 -15.79 4.34 -17.95
CA ARG A 325 -17.05 3.68 -18.18
C ARG A 325 -17.60 2.98 -16.95
N GLU A 326 -16.77 2.18 -16.28
CA GLU A 326 -17.20 1.42 -15.13
C GLU A 326 -17.24 2.17 -13.83
N MET A 327 -16.29 3.07 -13.60
CA MET A 327 -16.25 3.79 -12.33
C MET A 327 -16.63 5.24 -12.35
N GLY A 328 -16.65 5.87 -13.51
CA GLY A 328 -17.06 7.28 -13.60
C GLY A 328 -18.53 7.27 -14.05
N GLU A 329 -19.36 6.72 -13.19
CA GLU A 329 -20.79 6.57 -13.42
C GLU A 329 -21.05 5.39 -14.36
N MET B 1 30.65 -5.23 -7.09
CA MET B 1 29.79 -4.97 -5.89
C MET B 1 29.59 -6.27 -5.08
N PRO B 2 29.45 -6.10 -3.78
CA PRO B 2 29.20 -7.23 -2.89
C PRO B 2 27.79 -7.74 -3.14
N THR B 3 27.48 -8.97 -2.77
CA THR B 3 26.14 -9.48 -3.01
C THR B 3 25.33 -9.58 -1.72
N LEU B 4 24.01 -9.67 -1.90
CA LEU B 4 23.08 -9.78 -0.80
C LEU B 4 22.13 -10.96 -0.98
N LEU B 5 21.76 -11.55 0.15
CA LEU B 5 20.83 -12.66 0.20
C LEU B 5 19.72 -12.31 1.20
N ARG B 6 18.53 -12.05 0.67
CA ARG B 6 17.39 -11.72 1.53
C ARG B 6 16.50 -12.97 1.63
N VAL B 7 16.13 -13.36 2.84
CA VAL B 7 15.30 -14.53 3.04
C VAL B 7 14.13 -14.17 3.98
N TYR B 8 12.91 -14.31 3.48
CA TYR B 8 11.73 -13.98 4.27
C TYR B 8 11.09 -15.24 4.83
N ILE B 9 11.11 -15.41 6.16
CA ILE B 9 10.47 -16.59 6.73
C ILE B 9 9.00 -16.26 6.95
N ASP B 10 8.11 -16.98 6.26
CA ASP B 10 6.69 -16.63 6.44
C ASP B 10 5.86 -17.89 6.64
N GLY B 11 4.55 -17.76 6.61
CA GLY B 11 3.66 -18.91 6.77
C GLY B 11 2.76 -18.65 7.99
N PRO B 12 1.84 -19.59 8.21
CA PRO B 12 0.93 -19.48 9.35
C PRO B 12 1.76 -19.40 10.63
N HIS B 13 1.23 -18.75 11.64
CA HIS B 13 1.92 -18.62 12.92
C HIS B 13 1.84 -19.92 13.72
N GLY B 14 2.78 -20.12 14.64
CA GLY B 14 2.81 -21.30 15.47
C GLY B 14 3.49 -22.52 14.90
N MET B 15 4.39 -22.39 13.92
CA MET B 15 5.06 -23.57 13.38
C MET B 15 6.51 -23.67 13.85
N GLY B 16 7.03 -22.58 14.41
CA GLY B 16 8.40 -22.57 14.88
C GLY B 16 9.30 -21.67 14.05
N LYS B 17 8.71 -20.78 13.26
CA LYS B 17 9.45 -19.86 12.42
C LYS B 17 10.53 -19.10 13.18
N THR B 18 10.13 -18.39 14.23
CA THR B 18 11.05 -17.58 15.02
C THR B 18 12.19 -18.38 15.58
N THR B 19 11.88 -19.46 16.31
CA THR B 19 12.96 -20.28 16.85
C THR B 19 13.93 -20.69 15.74
N THR B 20 13.40 -21.27 14.66
CA THR B 20 14.22 -21.70 13.54
C THR B 20 15.11 -20.57 13.04
N THR B 21 14.52 -19.41 12.79
CA THR B 21 15.30 -18.28 12.31
C THR B 21 16.49 -17.97 13.22
N GLN B 22 16.21 -17.76 14.51
CA GLN B 22 17.26 -17.46 15.46
C GLN B 22 18.33 -18.53 15.55
N LEU B 23 17.97 -19.80 15.41
CA LEU B 23 18.98 -20.85 15.42
C LEU B 23 19.89 -20.68 14.21
N LEU B 24 19.33 -20.25 13.08
CA LEU B 24 20.12 -20.02 11.87
C LEU B 24 21.01 -18.80 12.06
N VAL B 25 20.49 -17.73 12.66
CA VAL B 25 21.31 -16.54 12.86
C VAL B 25 22.48 -16.82 13.81
N ALA B 26 22.27 -17.67 14.79
CA ALA B 26 23.26 -18.05 15.77
C ALA B 26 24.45 -18.81 15.19
N LEU B 27 24.29 -19.47 14.04
CA LEU B 27 25.35 -20.21 13.42
C LEU B 27 26.40 -19.32 12.77
N GLY B 28 25.96 -18.30 12.05
CA GLY B 28 26.84 -17.39 11.37
C GLY B 28 27.62 -16.46 12.27
N SER B 29 28.61 -15.83 11.66
CA SER B 29 29.46 -14.85 12.31
C SER B 29 28.59 -13.71 12.85
N ARG B 30 29.13 -12.89 13.74
CA ARG B 30 28.36 -11.79 14.29
C ARG B 30 27.67 -10.96 13.21
N ASP B 31 28.42 -10.40 12.26
CA ASP B 31 27.85 -9.55 11.24
C ASP B 31 27.78 -10.01 9.81
N ASP B 32 27.72 -11.32 9.51
CA ASP B 32 27.59 -11.70 8.09
C ASP B 32 26.15 -12.07 7.80
N ILE B 33 25.33 -12.08 8.84
CA ILE B 33 23.91 -12.38 8.81
C ILE B 33 23.16 -11.53 9.84
N VAL B 34 22.04 -10.92 9.45
CA VAL B 34 21.27 -10.12 10.38
C VAL B 34 19.78 -10.50 10.32
N TYR B 35 19.13 -10.45 11.45
CA TYR B 35 17.73 -10.82 11.59
C TYR B 35 16.81 -9.63 11.82
N VAL B 36 15.82 -9.48 10.95
CA VAL B 36 14.80 -8.44 11.05
C VAL B 36 13.60 -9.18 11.66
N PRO B 37 13.44 -9.06 12.97
CA PRO B 37 12.41 -9.77 13.68
C PRO B 37 11.00 -9.24 13.59
N GLU B 38 10.13 -10.03 14.20
CA GLU B 38 8.70 -9.68 14.26
C GLU B 38 8.64 -8.36 15.03
N PRO B 39 8.01 -7.35 14.47
CA PRO B 39 7.92 -6.04 15.11
C PRO B 39 6.83 -5.96 16.16
N MET B 40 6.79 -6.87 17.11
CA MET B 40 5.82 -6.95 18.17
C MET B 40 5.59 -5.65 18.92
N THR B 41 6.66 -4.93 19.24
CA THR B 41 6.59 -3.66 19.96
C THR B 41 5.81 -2.62 19.16
N TYR B 42 5.96 -2.65 17.83
CA TYR B 42 5.21 -1.72 17.00
C TYR B 42 3.73 -2.12 17.08
N TRP B 43 3.44 -3.42 17.05
CA TRP B 43 2.06 -3.88 17.11
C TRP B 43 1.40 -3.67 18.47
N ARG B 44 2.15 -3.81 19.55
CA ARG B 44 1.58 -3.67 20.88
C ARG B 44 1.58 -2.24 21.40
N VAL B 45 2.55 -1.42 21.02
CA VAL B 45 2.64 -0.06 21.51
C VAL B 45 2.77 1.02 20.46
N LEU B 46 3.86 1.08 19.71
CA LEU B 46 4.12 2.13 18.75
C LEU B 46 3.06 2.43 17.73
N GLY B 47 2.59 1.47 16.93
CA GLY B 47 1.57 1.75 15.94
C GLY B 47 0.17 1.91 16.49
N ALA B 48 -0.12 1.25 17.59
CA ALA B 48 -1.43 1.30 18.24
C ALA B 48 -1.36 0.44 19.49
N SER B 49 -2.44 0.33 20.26
CA SER B 49 -2.41 -0.47 21.48
C SER B 49 -2.89 -1.90 21.27
N GLU B 50 -2.03 -2.85 21.62
CA GLU B 50 -2.29 -4.27 21.50
C GLU B 50 -3.04 -4.64 20.22
N THR B 51 -2.42 -4.43 19.06
CA THR B 51 -3.10 -4.75 17.80
C THR B 51 -3.49 -6.20 17.66
N ILE B 52 -2.71 -7.17 18.12
CA ILE B 52 -3.10 -8.56 17.98
C ILE B 52 -4.31 -8.90 18.85
N ALA B 53 -4.32 -8.46 20.10
CA ALA B 53 -5.43 -8.73 21.01
C ALA B 53 -6.76 -8.21 20.48
N ASN B 54 -6.74 -7.03 19.89
CA ASN B 54 -7.92 -6.39 19.32
C ASN B 54 -8.51 -7.21 18.18
N ILE B 55 -7.65 -7.74 17.34
CA ILE B 55 -8.02 -8.59 16.22
C ILE B 55 -8.74 -9.84 16.70
N TYR B 56 -8.13 -10.56 17.65
CA TYR B 56 -8.72 -11.78 18.18
C TYR B 56 -9.97 -11.50 19.00
N THR B 57 -10.07 -10.32 19.58
CA THR B 57 -11.25 -9.94 20.34
C THR B 57 -12.40 -9.72 19.36
N THR B 58 -12.12 -8.93 18.32
CA THR B 58 -13.08 -8.60 17.29
C THR B 58 -13.68 -9.84 16.65
N GLN B 59 -12.84 -10.78 16.24
CA GLN B 59 -13.34 -12.01 15.62
C GLN B 59 -14.27 -12.72 16.60
N HIS B 60 -13.83 -12.88 17.85
CA HIS B 60 -14.64 -13.52 18.89
C HIS B 60 -15.98 -12.79 19.03
N ARG B 61 -15.93 -11.46 19.09
CA ARG B 61 -17.14 -10.64 19.18
C ARG B 61 -18.07 -10.97 18.02
N LEU B 62 -17.53 -11.01 16.81
CA LEU B 62 -18.28 -11.32 15.61
C LEU B 62 -18.88 -12.72 15.66
N ASP B 63 -18.11 -13.68 16.15
CA ASP B 63 -18.54 -15.06 16.25
C ASP B 63 -19.76 -15.22 17.16
N GLN B 64 -19.78 -14.51 18.29
CA GLN B 64 -20.87 -14.57 19.23
C GLN B 64 -22.08 -13.74 18.80
N GLY B 65 -21.94 -12.96 17.75
CA GLY B 65 -23.01 -12.12 17.23
C GLY B 65 -23.17 -10.84 18.03
N GLU B 66 -22.08 -10.40 18.68
CA GLU B 66 -22.11 -9.20 19.49
C GLU B 66 -21.85 -7.93 18.67
N ILE B 67 -21.38 -8.09 17.45
CA ILE B 67 -21.11 -7.02 16.51
C ILE B 67 -21.51 -7.53 15.11
N SER B 68 -21.57 -6.63 14.14
CA SER B 68 -21.91 -7.06 12.79
C SER B 68 -20.63 -7.24 11.96
N ALA B 69 -20.80 -7.82 10.78
CA ALA B 69 -19.71 -8.05 9.83
C ALA B 69 -19.05 -6.72 9.48
N GLY B 70 -19.88 -5.72 9.21
CA GLY B 70 -19.41 -4.38 8.88
C GLY B 70 -18.47 -3.85 9.95
N ASP B 71 -18.86 -3.99 11.22
CA ASP B 71 -18.03 -3.52 12.34
C ASP B 71 -16.71 -4.29 12.36
N ALA B 72 -16.84 -5.60 12.20
CA ALA B 72 -15.69 -6.49 12.17
C ALA B 72 -14.69 -6.06 11.10
N ALA B 73 -15.17 -5.90 9.87
CA ALA B 73 -14.34 -5.50 8.74
C ALA B 73 -13.60 -4.19 8.96
N VAL B 74 -14.30 -3.20 9.48
CA VAL B 74 -13.71 -1.90 9.75
C VAL B 74 -12.52 -2.05 10.70
N VAL B 75 -12.68 -2.82 11.76
CA VAL B 75 -11.61 -3.09 12.72
C VAL B 75 -10.45 -3.86 12.09
N MET B 76 -10.72 -4.97 11.43
CA MET B 76 -9.69 -5.77 10.79
C MET B 76 -8.95 -5.02 9.70
N THR B 77 -9.67 -4.24 8.89
CA THR B 77 -9.02 -3.48 7.82
C THR B 77 -8.04 -2.50 8.45
N SER B 78 -8.49 -1.79 9.49
CA SER B 78 -7.66 -0.82 10.17
C SER B 78 -6.50 -1.48 10.90
N ALA B 79 -6.72 -2.67 11.47
CA ALA B 79 -5.67 -3.37 12.19
C ALA B 79 -4.62 -3.96 11.25
N GLN B 80 -5.00 -4.34 10.03
CA GLN B 80 -4.01 -4.88 9.10
C GLN B 80 -3.12 -3.77 8.55
N ILE B 81 -3.65 -2.54 8.47
CA ILE B 81 -2.81 -1.41 8.02
C ILE B 81 -1.64 -1.35 9.02
N THR B 82 -2.05 -1.30 10.29
CA THR B 82 -1.12 -1.26 11.40
C THR B 82 -0.23 -2.47 11.45
N MET B 83 -0.76 -3.67 11.21
CA MET B 83 0.08 -4.86 11.22
C MET B 83 1.13 -4.85 10.13
N GLY B 84 0.86 -4.29 8.95
CA GLY B 84 1.80 -4.27 7.86
C GLY B 84 2.74 -3.12 7.71
N MET B 85 2.53 -2.06 8.47
CA MET B 85 3.34 -0.85 8.44
C MET B 85 4.83 -1.12 8.43
N PRO B 86 5.33 -1.79 9.46
CA PRO B 86 6.75 -2.06 9.58
C PRO B 86 7.34 -2.83 8.42
N TYR B 87 6.59 -3.75 7.80
CA TYR B 87 7.12 -4.49 6.67
C TYR B 87 7.19 -3.57 5.46
N ALA B 88 6.13 -2.77 5.27
CA ALA B 88 6.04 -1.85 4.16
C ALA B 88 7.13 -0.80 4.20
N VAL B 89 7.30 -0.14 5.35
CA VAL B 89 8.34 0.90 5.44
C VAL B 89 9.71 0.26 5.25
N THR B 90 9.93 -0.92 5.81
CA THR B 90 11.22 -1.59 5.64
C THR B 90 11.49 -1.91 4.18
N ASP B 91 10.46 -2.38 3.45
CA ASP B 91 10.64 -2.65 2.03
C ASP B 91 10.99 -1.39 1.23
N ALA B 92 10.35 -0.28 1.56
CA ALA B 92 10.54 0.99 0.88
C ALA B 92 11.91 1.62 1.06
N VAL B 93 12.58 1.43 2.20
CA VAL B 93 13.90 2.03 2.38
C VAL B 93 14.99 1.07 1.91
N LEU B 94 14.63 -0.20 1.85
CA LEU B 94 15.58 -1.24 1.43
C LEU B 94 15.71 -1.27 -0.09
N ALA B 95 14.59 -1.10 -0.77
CA ALA B 95 14.46 -1.10 -2.21
C ALA B 95 15.55 -0.46 -3.03
N PRO B 96 15.87 0.81 -2.84
CA PRO B 96 16.90 1.50 -3.60
C PRO B 96 18.25 0.82 -3.59
N HIS B 97 18.61 0.11 -2.54
CA HIS B 97 19.85 -0.59 -2.41
C HIS B 97 19.89 -1.92 -3.15
N ILE B 98 18.75 -2.43 -3.60
CA ILE B 98 18.73 -3.72 -4.27
C ILE B 98 18.95 -3.63 -5.76
N GLY B 99 19.95 -4.39 -6.23
CA GLY B 99 20.27 -4.42 -7.66
C GLY B 99 19.77 -5.72 -8.28
N GLY B 100 20.26 -6.08 -9.46
CA GLY B 100 19.85 -7.29 -10.14
C GLY B 100 20.30 -8.57 -9.46
N GLU B 101 19.77 -9.70 -9.96
CA GLU B 101 20.10 -11.01 -9.42
C GLU B 101 21.45 -11.52 -9.89
N ALA B 102 22.17 -12.18 -9.00
CA ALA B 102 23.48 -12.75 -9.29
C ALA B 102 23.32 -14.21 -9.73
N GLY B 103 22.80 -15.03 -8.82
CA GLY B 103 22.59 -16.45 -9.08
C GLY B 103 22.64 -17.23 -7.76
N SER B 104 21.99 -18.39 -7.72
CA SER B 104 21.96 -19.22 -6.52
C SER B 104 23.24 -19.13 -5.71
N PRO B 109 30.70 -16.32 -1.19
CA PRO B 109 29.31 -16.33 -0.70
C PRO B 109 28.78 -14.93 -0.57
N PRO B 110 27.58 -14.75 -0.04
CA PRO B 110 26.98 -13.45 0.12
C PRO B 110 27.67 -12.62 1.18
N ALA B 111 27.95 -11.36 0.86
CA ALA B 111 28.60 -10.45 1.79
C ALA B 111 27.69 -10.16 2.99
N LEU B 112 26.38 -10.23 2.75
CA LEU B 112 25.38 -10.01 3.76
C LEU B 112 24.16 -10.91 3.56
N THR B 113 23.61 -11.37 4.67
CA THR B 113 22.41 -12.19 4.63
C THR B 113 21.39 -11.56 5.57
N LEU B 114 20.22 -11.27 5.04
CA LEU B 114 19.13 -10.67 5.79
C LEU B 114 17.99 -11.68 5.98
N ILE B 115 17.73 -12.08 7.21
CA ILE B 115 16.63 -13.03 7.46
C ILE B 115 15.47 -12.22 8.05
N PHE B 116 14.32 -12.28 7.40
CA PHE B 116 13.20 -11.50 7.88
C PHE B 116 12.13 -12.36 8.54
N ASP B 117 11.49 -11.76 9.55
CA ASP B 117 10.38 -12.48 10.18
C ASP B 117 9.15 -11.96 9.40
N ARG B 118 8.79 -12.67 8.36
CA ARG B 118 7.71 -12.41 7.46
C ARG B 118 8.05 -11.37 6.39
N HIS B 119 7.19 -11.36 5.39
CA HIS B 119 7.27 -10.46 4.24
C HIS B 119 6.00 -9.62 4.18
N PRO B 120 6.03 -8.46 3.57
CA PRO B 120 4.84 -7.62 3.42
C PRO B 120 3.59 -8.35 3.00
N ILE B 121 3.61 -9.29 2.07
CA ILE B 121 2.41 -10.01 1.65
C ILE B 121 1.68 -10.70 2.78
N ALA B 122 2.35 -10.97 3.90
CA ALA B 122 1.72 -11.59 5.04
C ALA B 122 0.58 -10.70 5.57
N ALA B 123 0.86 -9.41 5.68
CA ALA B 123 -0.09 -8.43 6.19
C ALA B 123 -0.97 -7.79 5.14
N LEU B 124 -0.53 -7.78 3.90
CA LEU B 124 -1.24 -7.19 2.79
C LEU B 124 -1.99 -8.20 1.94
N LEU B 125 -1.88 -9.49 2.23
CA LEU B 125 -2.54 -10.51 1.46
C LEU B 125 -3.04 -11.70 2.24
N CYS B 126 -2.18 -12.44 2.91
CA CYS B 126 -2.54 -13.64 3.63
C CYS B 126 -3.47 -13.46 4.79
N TYR B 127 -3.11 -12.60 5.75
CA TYR B 127 -4.02 -12.40 6.90
C TYR B 127 -5.33 -11.84 6.45
N PRO B 128 -5.34 -10.80 5.62
CA PRO B 128 -6.59 -10.25 5.09
C PRO B 128 -7.39 -11.33 4.41
N ALA B 129 -6.79 -12.07 3.46
CA ALA B 129 -7.52 -13.15 2.79
C ALA B 129 -8.10 -14.13 3.81
N ALA B 130 -7.30 -14.48 4.83
CA ALA B 130 -7.80 -15.40 5.86
C ALA B 130 -8.95 -14.78 6.62
N ARG B 131 -8.90 -13.47 6.89
CA ARG B 131 -10.01 -12.81 7.60
C ARG B 131 -11.23 -12.81 6.70
N TYR B 132 -11.03 -12.69 5.38
CA TYR B 132 -12.17 -12.75 4.46
C TYR B 132 -12.86 -14.09 4.65
N LEU B 133 -12.12 -15.19 4.69
CA LEU B 133 -12.69 -16.51 4.92
C LEU B 133 -13.41 -16.62 6.26
N MET B 134 -12.99 -15.88 7.27
CA MET B 134 -13.59 -15.86 8.59
C MET B 134 -14.80 -14.93 8.67
N GLY B 135 -15.08 -14.21 7.60
CA GLY B 135 -16.19 -13.28 7.50
C GLY B 135 -15.94 -11.93 8.14
N SER B 136 -14.73 -11.69 8.64
CA SER B 136 -14.37 -10.45 9.29
C SER B 136 -13.75 -9.43 8.36
N MET B 137 -13.72 -9.70 7.07
CA MET B 137 -13.18 -8.74 6.11
C MET B 137 -13.87 -8.94 4.76
N THR B 138 -14.05 -7.85 4.03
CA THR B 138 -14.70 -7.93 2.72
C THR B 138 -13.65 -8.26 1.66
N PRO B 139 -14.08 -8.92 0.60
CA PRO B 139 -13.17 -9.27 -0.49
C PRO B 139 -12.65 -8.01 -1.16
N GLN B 140 -13.44 -6.94 -1.20
CA GLN B 140 -13.01 -5.69 -1.80
C GLN B 140 -11.82 -5.10 -1.04
N ALA B 141 -11.84 -5.17 0.28
CA ALA B 141 -10.73 -4.61 1.05
C ALA B 141 -9.49 -5.46 0.86
N VAL B 142 -9.67 -6.77 0.69
CA VAL B 142 -8.53 -7.67 0.47
C VAL B 142 -7.83 -7.27 -0.83
N LEU B 143 -8.64 -7.01 -1.87
CA LEU B 143 -8.04 -6.60 -3.15
C LEU B 143 -7.41 -5.23 -3.06
N ALA B 144 -7.88 -4.39 -2.13
CA ALA B 144 -7.34 -3.05 -1.91
C ALA B 144 -5.94 -3.19 -1.31
N PHE B 145 -5.77 -4.13 -0.37
CA PHE B 145 -4.47 -4.39 0.22
C PHE B 145 -3.57 -5.00 -0.88
N VAL B 146 -4.13 -5.88 -1.70
CA VAL B 146 -3.39 -6.50 -2.80
C VAL B 146 -2.84 -5.47 -3.77
N ALA B 147 -3.62 -4.45 -4.12
CA ALA B 147 -3.16 -3.42 -5.04
C ALA B 147 -2.06 -2.55 -4.43
N LEU B 148 -1.96 -2.52 -3.10
CA LEU B 148 -0.95 -1.75 -2.41
C LEU B 148 0.33 -2.53 -2.14
N ILE B 149 0.41 -3.82 -2.44
CA ILE B 149 1.64 -4.60 -2.24
C ILE B 149 2.78 -3.94 -3.03
N PRO B 150 3.91 -3.72 -2.41
CA PRO B 150 5.05 -3.12 -3.07
C PRO B 150 5.60 -3.94 -4.22
N PRO B 151 6.13 -3.27 -5.24
CA PRO B 151 6.72 -3.97 -6.39
C PRO B 151 7.63 -5.04 -5.87
N THR B 152 7.56 -6.26 -6.40
CA THR B 152 8.42 -7.33 -5.87
C THR B 152 9.87 -7.14 -6.28
N LEU B 153 10.71 -6.90 -5.30
CA LEU B 153 12.13 -6.72 -5.51
C LEU B 153 12.82 -8.00 -5.95
N PRO B 154 13.84 -7.88 -6.79
CA PRO B 154 14.60 -9.04 -7.23
C PRO B 154 15.12 -9.80 -6.01
N GLY B 155 15.38 -11.08 -6.16
CA GLY B 155 15.91 -11.88 -5.05
C GLY B 155 14.95 -12.00 -3.88
N THR B 156 13.65 -12.09 -4.18
CA THR B 156 12.68 -12.23 -3.10
C THR B 156 12.49 -13.72 -2.83
N ASN B 157 13.29 -14.21 -1.88
CA ASN B 157 13.22 -15.62 -1.49
C ASN B 157 12.27 -15.76 -0.31
N ILE B 158 11.20 -16.51 -0.50
CA ILE B 158 10.26 -16.68 0.61
C ILE B 158 10.13 -18.15 0.98
N VAL B 159 10.24 -18.37 2.29
CA VAL B 159 10.15 -19.69 2.86
C VAL B 159 8.84 -19.90 3.58
N LEU B 160 8.00 -20.75 2.98
CA LEU B 160 6.70 -21.05 3.60
C LEU B 160 6.93 -22.34 4.39
N GLY B 161 6.03 -22.78 5.24
CA GLY B 161 6.29 -23.98 6.03
C GLY B 161 5.18 -24.98 6.08
N ALA B 162 5.57 -26.26 5.99
CA ALA B 162 4.61 -27.36 6.04
C ALA B 162 4.66 -28.07 7.39
N LEU B 163 3.48 -28.21 7.99
CA LEU B 163 3.37 -28.87 9.29
C LEU B 163 1.98 -29.46 9.39
N PRO B 164 1.89 -30.77 9.58
CA PRO B 164 0.61 -31.45 9.71
C PRO B 164 -0.32 -30.73 10.66
N GLU B 165 -1.59 -30.60 10.30
CA GLU B 165 -2.58 -29.91 11.10
C GLU B 165 -2.63 -30.37 12.55
N ASP B 166 -2.58 -31.67 12.82
CA ASP B 166 -2.61 -32.16 14.20
C ASP B 166 -1.41 -31.71 15.00
N ARG B 167 -0.22 -31.71 14.40
CA ARG B 167 0.98 -31.24 15.06
C ARG B 167 0.91 -29.73 15.22
N HIS B 168 0.36 -29.05 14.21
CA HIS B 168 0.22 -27.60 14.22
C HIS B 168 -0.66 -27.18 15.40
N ILE B 169 -1.83 -27.79 15.51
CA ILE B 169 -2.79 -27.50 16.57
C ILE B 169 -2.17 -27.68 17.95
N ASP B 170 -1.38 -28.74 18.07
CA ASP B 170 -0.66 -29.09 19.29
C ASP B 170 0.33 -27.99 19.62
N ARG B 171 1.27 -27.76 18.70
CA ARG B 171 2.30 -26.75 18.84
C ARG B 171 1.71 -25.38 19.11
N LEU B 172 0.68 -25.00 18.34
CA LEU B 172 0.02 -23.72 18.52
C LEU B 172 -0.56 -23.59 19.91
N ALA B 173 -1.32 -24.58 20.39
CA ALA B 173 -1.91 -24.53 21.73
C ALA B 173 -0.83 -24.29 22.80
N LYS B 174 -0.57 -23.03 23.10
CA LYS B 174 0.45 -22.63 24.06
C LYS B 174 1.85 -22.95 23.55
N ARG B 181 -7.48 -18.43 24.15
CA ARG B 181 -8.21 -18.21 22.91
C ARG B 181 -8.33 -19.54 22.11
N LEU B 182 -7.34 -19.74 21.25
CA LEU B 182 -7.20 -20.86 20.37
C LEU B 182 -8.33 -20.95 19.34
N ASP B 183 -8.19 -20.16 18.28
CA ASP B 183 -9.19 -20.15 17.22
C ASP B 183 -8.78 -21.11 16.11
N LEU B 184 -9.35 -22.31 16.12
CA LEU B 184 -9.07 -23.34 15.14
C LEU B 184 -9.60 -23.02 13.75
N ALA B 185 -10.67 -22.25 13.66
CA ALA B 185 -11.23 -21.86 12.36
C ALA B 185 -10.23 -20.97 11.64
N MET B 186 -9.62 -20.05 12.39
CA MET B 186 -8.61 -19.14 11.87
C MET B 186 -7.34 -19.92 11.50
N LEU B 187 -6.95 -20.89 12.33
CA LEU B 187 -5.75 -21.65 11.97
C LEU B 187 -5.99 -22.33 10.62
N ALA B 188 -7.15 -22.95 10.46
CA ALA B 188 -7.53 -23.61 9.23
C ALA B 188 -7.50 -22.64 8.05
N ALA B 189 -8.03 -21.43 8.24
CA ALA B 189 -8.06 -20.42 7.21
C ALA B 189 -6.66 -19.92 6.87
N ILE B 190 -5.81 -19.69 7.87
CA ILE B 190 -4.45 -19.23 7.55
C ILE B 190 -3.68 -20.36 6.88
N ARG B 191 -3.90 -21.61 7.28
CA ARG B 191 -3.23 -22.75 6.65
C ARG B 191 -3.67 -22.86 5.20
N ARG B 192 -4.97 -22.69 4.93
CA ARG B 192 -5.47 -22.76 3.56
C ARG B 192 -4.88 -21.64 2.70
N VAL B 193 -4.98 -20.41 3.22
CA VAL B 193 -4.43 -19.26 2.49
C VAL B 193 -2.98 -19.47 2.10
N TYR B 194 -2.12 -19.93 3.01
CA TYR B 194 -0.73 -20.17 2.66
C TYR B 194 -0.54 -21.32 1.69
N GLY B 195 -1.43 -22.31 1.68
CA GLY B 195 -1.35 -23.41 0.73
C GLY B 195 -1.67 -22.85 -0.66
N LEU B 196 -2.76 -22.08 -0.72
CA LEU B 196 -3.21 -21.43 -1.94
C LEU B 196 -2.05 -20.60 -2.50
N LEU B 197 -1.45 -19.79 -1.63
CA LEU B 197 -0.33 -18.96 -1.99
C LEU B 197 0.79 -19.71 -2.68
N ALA B 198 1.35 -20.75 -2.08
CA ALA B 198 2.44 -21.49 -2.73
C ALA B 198 2.02 -22.02 -4.09
N ASN B 199 0.79 -22.53 -4.19
CA ASN B 199 0.24 -23.04 -5.43
C ASN B 199 0.08 -21.96 -6.49
N THR B 200 -0.15 -20.73 -6.00
CA THR B 200 -0.32 -19.58 -6.89
C THR B 200 1.02 -19.26 -7.54
N VAL B 201 2.09 -19.31 -6.77
CA VAL B 201 3.43 -19.06 -7.30
C VAL B 201 3.80 -20.13 -8.31
N ARG B 202 3.58 -21.42 -8.00
CA ARG B 202 3.93 -22.43 -9.00
C ARG B 202 3.05 -22.22 -10.24
N TYR B 203 1.75 -22.07 -10.07
CA TYR B 203 0.84 -21.83 -11.20
C TYR B 203 1.36 -20.69 -12.07
N LEU B 204 1.64 -19.53 -11.49
CA LEU B 204 2.16 -18.39 -12.24
C LEU B 204 3.52 -18.65 -12.86
N GLN B 205 4.38 -19.44 -12.22
CA GLN B 205 5.69 -19.72 -12.78
C GLN B 205 5.62 -20.74 -13.92
N CYS B 206 4.55 -21.54 -13.95
CA CYS B 206 4.34 -22.53 -14.98
C CYS B 206 3.61 -21.95 -16.19
N GLY B 207 3.40 -20.63 -16.25
CA GLY B 207 2.72 -20.02 -17.38
C GLY B 207 1.25 -19.74 -17.16
N GLY B 208 0.68 -20.18 -16.04
CA GLY B 208 -0.72 -19.98 -15.73
C GLY B 208 -1.15 -18.54 -15.96
N SER B 209 -2.32 -18.39 -16.55
CA SER B 209 -2.91 -17.09 -16.86
C SER B 209 -4.32 -17.09 -16.26
N TRP B 210 -4.52 -16.37 -15.16
CA TRP B 210 -5.82 -16.36 -14.50
C TRP B 210 -6.95 -15.93 -15.43
N ARG B 211 -6.72 -14.91 -16.25
CA ARG B 211 -7.74 -14.46 -17.19
C ARG B 211 -8.17 -15.58 -18.12
N GLU B 212 -7.25 -16.39 -18.59
CA GLU B 212 -7.55 -17.51 -19.48
C GLU B 212 -8.21 -18.67 -18.76
N ASP B 213 -7.83 -18.96 -17.52
CA ASP B 213 -8.44 -20.08 -16.80
C ASP B 213 -9.60 -19.71 -15.93
N TRP B 214 -9.94 -18.44 -15.80
CA TRP B 214 -11.04 -17.99 -14.96
C TRP B 214 -12.28 -18.84 -15.02
N GLY B 215 -12.77 -19.20 -16.20
CA GLY B 215 -13.95 -20.00 -16.42
C GLY B 215 -13.94 -21.39 -15.83
N GLN B 216 -12.80 -21.90 -15.39
CA GLN B 216 -12.66 -23.19 -14.77
C GLN B 216 -13.04 -23.14 -13.29
N LEU B 217 -13.48 -21.97 -12.80
CA LEU B 217 -13.92 -21.73 -11.45
C LEU B 217 -15.38 -22.15 -11.26
N SER B 218 -15.67 -22.68 -10.12
CA SER B 218 -16.82 -23.21 -9.56
C SER B 218 -16.37 -24.05 -8.32
N GLY B 219 -17.51 -24.18 -7.66
CA GLY B 219 -17.63 -24.97 -6.50
C GLY B 219 -17.00 -24.41 -5.25
N PRO B 229 1.02 -28.89 -0.76
CA PRO B 229 1.32 -27.78 -1.66
C PRO B 229 2.80 -27.69 -2.02
N GLN B 230 3.07 -27.36 -3.27
CA GLN B 230 4.43 -27.23 -3.80
C GLN B 230 4.57 -25.90 -4.53
N SER B 231 5.63 -25.17 -4.19
CA SER B 231 5.91 -23.86 -4.73
C SER B 231 6.93 -23.80 -5.86
N ASN B 232 7.97 -24.62 -5.77
CA ASN B 232 9.01 -24.64 -6.80
C ASN B 232 9.21 -26.04 -7.36
N ALA B 233 8.15 -26.85 -7.28
CA ALA B 233 8.20 -28.22 -7.79
C ALA B 233 6.81 -28.72 -8.20
N GLY B 234 6.79 -29.65 -9.14
CA GLY B 234 5.54 -30.23 -9.59
C GLY B 234 4.97 -29.63 -10.86
N PRO B 235 3.80 -30.13 -11.24
CA PRO B 235 3.08 -29.68 -12.42
C PRO B 235 2.24 -28.44 -12.14
N ARG B 236 1.68 -27.86 -13.21
CA ARG B 236 0.84 -26.68 -13.04
C ARG B 236 -0.47 -27.00 -12.32
N PRO B 237 -0.67 -26.33 -11.20
CA PRO B 237 -1.87 -26.49 -10.40
C PRO B 237 -3.08 -25.91 -11.13
N HIS B 238 -4.24 -26.40 -10.72
CA HIS B 238 -5.51 -25.94 -11.27
C HIS B 238 -5.82 -24.59 -10.63
N ILE B 239 -6.35 -23.63 -11.38
CA ILE B 239 -6.69 -22.32 -10.80
C ILE B 239 -7.51 -22.45 -9.54
N GLY B 240 -8.33 -23.47 -9.37
CA GLY B 240 -9.14 -23.76 -8.20
C GLY B 240 -8.31 -24.01 -6.94
N ASP B 241 -7.03 -24.34 -7.11
CA ASP B 241 -6.11 -24.56 -6.01
C ASP B 241 -5.21 -23.33 -5.84
N THR B 242 -5.52 -22.23 -6.52
CA THR B 242 -4.73 -21.01 -6.38
C THR B 242 -5.53 -19.98 -5.58
N LEU B 243 -4.96 -18.82 -5.29
CA LEU B 243 -5.66 -17.80 -4.52
C LEU B 243 -6.78 -17.11 -5.30
N PHE B 244 -6.77 -17.18 -6.63
CA PHE B 244 -7.76 -16.56 -7.48
C PHE B 244 -9.20 -16.95 -7.21
N THR B 245 -9.44 -18.16 -6.76
CA THR B 245 -10.76 -18.68 -6.47
C THR B 245 -11.46 -18.03 -5.29
N LEU B 246 -10.69 -17.41 -4.40
CA LEU B 246 -11.26 -16.72 -3.24
C LEU B 246 -12.04 -15.51 -3.74
N PHE B 247 -11.57 -14.92 -4.83
CA PHE B 247 -12.09 -13.73 -5.44
C PHE B 247 -13.22 -13.88 -6.43
N ARG B 248 -14.09 -14.85 -6.19
CA ARG B 248 -15.23 -15.11 -7.06
C ARG B 248 -16.52 -14.69 -6.40
N ALA B 249 -16.39 -14.11 -5.20
CA ALA B 249 -17.48 -13.62 -4.41
C ALA B 249 -18.43 -12.76 -5.24
N PRO B 250 -19.71 -12.79 -4.88
CA PRO B 250 -20.75 -12.05 -5.57
C PRO B 250 -20.56 -10.55 -5.56
N GLU B 251 -19.91 -10.02 -4.55
CA GLU B 251 -19.60 -8.62 -4.39
C GLU B 251 -18.73 -8.10 -5.55
N LEU B 252 -17.85 -8.96 -6.05
CA LEU B 252 -16.95 -8.60 -7.13
C LEU B 252 -17.48 -8.92 -8.51
N LEU B 253 -18.63 -9.60 -8.58
CA LEU B 253 -19.22 -9.97 -9.85
C LEU B 253 -20.26 -8.97 -10.36
N ALA B 254 -20.06 -8.55 -11.61
CA ALA B 254 -20.97 -7.62 -12.27
C ALA B 254 -22.22 -8.39 -12.63
N PRO B 255 -23.31 -7.72 -13.00
CA PRO B 255 -24.55 -8.36 -13.37
C PRO B 255 -24.44 -9.39 -14.46
N ASN B 256 -23.37 -9.42 -15.24
CA ASN B 256 -23.15 -10.39 -16.29
C ASN B 256 -22.43 -11.64 -15.81
N GLY B 257 -22.03 -11.70 -14.54
CA GLY B 257 -21.32 -12.84 -14.00
C GLY B 257 -19.81 -12.67 -13.98
N ASP B 258 -19.27 -11.70 -14.74
CA ASP B 258 -17.85 -11.46 -14.80
C ASP B 258 -17.40 -10.43 -13.75
N LEU B 259 -16.12 -10.52 -13.43
CA LEU B 259 -15.46 -9.64 -12.50
C LEU B 259 -15.49 -8.17 -12.95
N TYR B 260 -15.71 -7.27 -12.01
CA TYR B 260 -15.64 -5.85 -12.42
C TYR B 260 -14.17 -5.64 -12.81
N ASN B 261 -13.86 -4.74 -13.72
CA ASN B 261 -12.47 -4.54 -14.11
C ASN B 261 -11.59 -4.08 -12.97
N VAL B 262 -12.09 -3.31 -12.01
CA VAL B 262 -11.26 -2.88 -10.90
C VAL B 262 -10.63 -4.11 -10.21
N PHE B 263 -11.49 -5.05 -9.84
CA PHE B 263 -11.02 -6.25 -9.15
C PHE B 263 -10.18 -7.13 -10.07
N ALA B 264 -10.51 -7.14 -11.36
CA ALA B 264 -9.76 -7.91 -12.33
C ALA B 264 -8.33 -7.40 -12.38
N TRP B 265 -8.18 -6.07 -12.35
CA TRP B 265 -6.87 -5.44 -12.38
C TRP B 265 -6.09 -5.67 -11.09
N ALA B 266 -6.81 -5.92 -10.00
CA ALA B 266 -6.19 -6.20 -8.70
C ALA B 266 -5.63 -7.62 -8.78
N LEU B 267 -6.34 -8.49 -9.51
CA LEU B 267 -5.88 -9.87 -9.71
C LEU B 267 -4.64 -9.87 -10.59
N ASP B 268 -4.54 -8.90 -11.51
CA ASP B 268 -3.34 -8.81 -12.36
C ASP B 268 -2.13 -8.38 -11.53
N VAL B 269 -2.37 -7.50 -10.56
CA VAL B 269 -1.29 -7.02 -9.68
C VAL B 269 -0.81 -8.19 -8.84
N LEU B 270 -1.77 -8.96 -8.30
CA LEU B 270 -1.45 -10.15 -7.53
C LEU B 270 -0.59 -11.14 -8.31
N ALA B 271 -0.78 -11.25 -9.63
CA ALA B 271 -0.01 -12.16 -10.46
C ALA B 271 1.43 -11.70 -10.68
N LYS B 272 1.53 -10.42 -10.98
CA LYS B 272 2.80 -9.75 -11.24
C LYS B 272 3.67 -9.75 -9.99
N ARG B 273 3.06 -9.55 -8.81
CA ARG B 273 3.80 -9.55 -7.56
C ARG B 273 4.29 -10.94 -7.17
N LEU B 274 3.47 -11.99 -7.31
CA LEU B 274 3.92 -13.33 -6.94
C LEU B 274 4.78 -14.02 -7.97
N ARG B 275 4.59 -13.81 -9.27
CA ARG B 275 5.30 -14.49 -10.32
C ARG B 275 6.81 -14.44 -10.26
N SER B 276 7.44 -13.36 -9.81
CA SER B 276 8.90 -13.29 -9.76
C SER B 276 9.46 -13.67 -8.39
N MET B 277 8.59 -14.17 -7.49
CA MET B 277 9.06 -14.56 -6.16
C MET B 277 9.64 -15.98 -6.20
N HIS B 278 10.56 -16.26 -5.29
CA HIS B 278 11.15 -17.60 -5.20
C HIS B 278 10.69 -18.24 -3.89
N VAL B 279 9.73 -19.16 -3.98
CA VAL B 279 9.21 -19.81 -2.77
C VAL B 279 9.83 -21.18 -2.55
N PHE B 280 10.07 -21.53 -1.29
CA PHE B 280 10.64 -22.79 -0.86
C PHE B 280 9.85 -23.32 0.34
N ILE B 281 9.71 -24.63 0.44
CA ILE B 281 8.95 -25.20 1.56
C ILE B 281 9.88 -25.83 2.59
N LEU B 282 9.67 -25.43 3.85
CA LEU B 282 10.45 -25.94 4.97
C LEU B 282 9.65 -26.87 5.85
N ASP B 283 10.08 -28.12 5.94
CA ASP B 283 9.39 -29.11 6.77
C ASP B 283 9.62 -28.82 8.25
N TYR B 284 8.63 -28.19 8.87
CA TYR B 284 8.67 -27.86 10.28
C TYR B 284 8.31 -29.02 11.20
N ASP B 285 8.00 -30.19 10.68
CA ASP B 285 7.65 -31.34 11.53
C ASP B 285 8.93 -32.10 11.91
N GLN B 286 9.79 -31.45 12.68
CA GLN B 286 11.06 -31.98 13.16
C GLN B 286 11.52 -31.13 14.33
N SER B 287 12.68 -31.42 14.91
CA SER B 287 13.15 -30.64 16.05
C SER B 287 13.69 -29.28 15.61
N PRO B 288 13.82 -28.39 16.58
CA PRO B 288 14.35 -27.05 16.34
C PRO B 288 15.65 -27.12 15.56
N ALA B 289 16.64 -27.91 16.00
CA ALA B 289 17.90 -28.00 15.25
C ALA B 289 17.66 -28.65 13.89
N GLY B 290 16.72 -29.58 13.81
CA GLY B 290 16.40 -30.22 12.53
C GLY B 290 15.97 -29.12 11.56
N CYS B 291 14.99 -28.30 12.00
CA CYS B 291 14.50 -27.19 11.19
C CYS B 291 15.63 -26.29 10.72
N ARG B 292 16.47 -25.86 11.64
CA ARG B 292 17.61 -25.01 11.37
C ARG B 292 18.47 -25.53 10.23
N ASP B 293 18.93 -26.78 10.34
CA ASP B 293 19.77 -27.36 9.28
C ASP B 293 18.95 -27.37 7.98
N ALA B 294 17.72 -27.86 8.10
CA ALA B 294 16.81 -27.91 6.96
C ALA B 294 16.78 -26.54 6.29
N LEU B 295 16.56 -25.48 7.08
CA LEU B 295 16.54 -24.14 6.49
C LEU B 295 17.90 -23.85 5.87
N LEU B 296 18.99 -24.19 6.56
CA LEU B 296 20.32 -23.93 6.04
C LEU B 296 20.54 -24.55 4.67
N GLN B 297 20.18 -25.82 4.49
CA GLN B 297 20.34 -26.50 3.21
C GLN B 297 19.58 -25.73 2.13
N LEU B 298 18.32 -25.39 2.37
CA LEU B 298 17.50 -24.63 1.45
C LEU B 298 18.11 -23.32 0.99
N THR B 299 18.84 -22.58 1.83
CA THR B 299 19.43 -21.33 1.40
C THR B 299 20.33 -21.48 0.18
N SER B 300 20.99 -22.61 0.00
CA SER B 300 21.86 -22.88 -1.12
C SER B 300 21.29 -22.58 -2.51
N GLY B 301 20.02 -22.92 -2.75
CA GLY B 301 19.40 -22.67 -4.04
C GLY B 301 18.60 -21.37 -4.08
N MET B 302 18.87 -20.45 -3.18
CA MET B 302 18.17 -19.18 -3.13
C MET B 302 18.93 -18.09 -3.87
N VAL B 303 18.20 -17.35 -4.69
CA VAL B 303 18.74 -16.28 -5.49
C VAL B 303 19.21 -15.08 -4.66
N GLN B 304 20.39 -14.59 -5.03
CA GLN B 304 21.03 -13.45 -4.42
C GLN B 304 20.99 -12.27 -5.39
N THR B 305 21.27 -11.07 -4.88
CA THR B 305 21.28 -9.89 -5.73
C THR B 305 22.49 -9.01 -5.37
N HIS B 306 22.83 -8.09 -6.27
CA HIS B 306 23.93 -7.17 -6.00
C HIS B 306 23.31 -5.93 -5.31
N VAL B 307 24.11 -5.23 -4.53
CA VAL B 307 23.57 -4.01 -3.91
C VAL B 307 23.83 -2.88 -4.89
N THR B 308 23.15 -1.73 -4.76
CA THR B 308 23.34 -0.67 -5.74
C THR B 308 24.55 0.21 -5.47
N THR B 309 24.96 0.38 -4.23
CA THR B 309 26.12 1.22 -3.92
C THR B 309 27.08 0.39 -3.06
N PRO B 310 28.30 0.87 -2.89
CA PRO B 310 29.30 0.18 -2.08
C PRO B 310 28.93 0.25 -0.61
N GLY B 311 28.34 1.38 -0.20
CA GLY B 311 27.89 1.61 1.14
C GLY B 311 26.52 1.05 1.47
N SER B 312 25.97 0.20 0.62
CA SER B 312 24.68 -0.42 0.82
C SER B 312 24.71 -1.47 1.93
N ILE B 313 25.77 -2.29 1.97
CA ILE B 313 25.84 -3.32 3.01
C ILE B 313 25.72 -2.73 4.40
N PRO B 314 26.64 -1.85 4.78
CA PRO B 314 26.64 -1.22 6.10
C PRO B 314 25.30 -0.58 6.40
N THR B 315 24.79 0.21 5.45
CA THR B 315 23.50 0.88 5.61
C THR B 315 22.41 -0.14 5.95
N ILE B 316 22.38 -1.23 5.17
CA ILE B 316 21.40 -2.29 5.39
C ILE B 316 21.56 -2.89 6.77
N CYS B 317 22.78 -3.12 7.25
CA CYS B 317 22.94 -3.66 8.61
C CYS B 317 22.31 -2.72 9.63
N ASP B 318 22.67 -1.45 9.56
CA ASP B 318 22.11 -0.46 10.48
C ASP B 318 20.59 -0.55 10.48
N LEU B 319 19.99 -0.51 9.29
CA LEU B 319 18.53 -0.59 9.15
C LEU B 319 17.98 -1.80 9.91
N ALA B 320 18.51 -3.00 9.68
CA ALA B 320 18.03 -4.19 10.36
C ALA B 320 18.25 -4.15 11.87
N ARG B 321 19.44 -3.80 12.34
CA ARG B 321 19.73 -3.74 13.77
C ARG B 321 18.77 -2.75 14.45
N THR B 322 18.67 -1.57 13.84
CA THR B 322 17.81 -0.49 14.32
C THR B 322 16.35 -0.98 14.40
N PHE B 323 15.92 -1.71 13.38
CA PHE B 323 14.60 -2.29 13.34
C PHE B 323 14.45 -3.34 14.45
N ALA B 324 15.50 -4.15 14.60
CA ALA B 324 15.46 -5.21 15.63
C ALA B 324 15.37 -4.61 17.03
N ARG B 325 16.18 -3.60 17.29
CA ARG B 325 16.22 -2.91 18.55
C ARG B 325 14.97 -2.12 18.89
N GLU B 326 14.41 -1.42 17.92
CA GLU B 326 13.22 -0.62 18.20
C GLU B 326 11.92 -1.40 18.20
N MET B 327 11.79 -2.36 17.28
CA MET B 327 10.57 -3.13 17.18
C MET B 327 10.58 -4.56 17.63
N GLY B 328 11.67 -5.31 17.49
CA GLY B 328 11.60 -6.71 17.98
C GLY B 328 11.76 -6.61 19.49
N GLU B 329 10.70 -6.77 20.27
CA GLU B 329 10.85 -6.64 21.73
C GLU B 329 11.50 -5.30 22.08
#